data_1SKB
#
_entry.id   1SKB
#
_cell.length_a   70.131
_cell.length_b   70.131
_cell.length_c   186.237
_cell.angle_alpha   90.00
_cell.angle_beta   90.00
_cell.angle_gamma   90.00
#
_symmetry.space_group_name_H-M   'P 43 21 2'
#
loop_
_entity.id
_entity.type
_entity.pdbx_description
1 polymer '3-phytase A'
2 non-polymer 2-acetamido-2-deoxy-beta-D-glucopyranose
3 water water
#
_entity_poly.entity_id   1
_entity_poly.type   'polypeptide(L)'
_entity_poly.pdbx_seq_one_letter_code
;SKSCDTVDLGYQCSPATSHLWGQYSPFFSLEDELSVSSKLPKDCRITLVQVLSRHGARYPTSSKSKKYKKLVTAIQANAT
DFKGKFAFLKTYNYTLGADDLTPFGEQQLVNSGIKFYQRYKALARSVVPFIRASGSDRVIASGEKFIEGFQQAKLADPGA
TNRAAPAISVIIPESETFNNTLDHGVCTKFEASQLGDEVAANFTALFAPDIRARAEKHLPGVTLTDEDVVSLMDMCSFDT
VARTSDASQLSPFCQLFTHNEWKKYNYLQSLGKYYGYGAGNPLGPAQGIGFTNELIARLTRSPVQDHTSTNSTLVSNPAT
FPLNATMYVDFSHDNSMVSIFFALGLYNGTEPLSRTSVESAKELDGYSASWVVPFGARAYFETMQCKSEKEPLVRALIND
RVVPLHGCDVDKLGRCKLNDFVKGLSWARSGGNWGECFS
;
_entity_poly.pdbx_strand_id   A
#
loop_
_chem_comp.id
_chem_comp.type
_chem_comp.name
_chem_comp.formula
NAG D-saccharide, beta linking 2-acetamido-2-deoxy-beta-D-glucopyranose 'C8 H15 N O6'
#
# COMPACT_ATOMS: atom_id res chain seq x y z
N CYS A 4 -6.56 18.81 5.38
CA CYS A 4 -7.06 17.42 5.65
C CYS A 4 -5.92 16.42 5.82
N ASP A 5 -4.87 16.61 5.04
CA ASP A 5 -3.74 15.72 5.00
C ASP A 5 -2.55 16.44 5.61
N THR A 6 -1.89 15.80 6.59
CA THR A 6 -0.70 16.38 7.22
C THR A 6 0.42 15.38 7.19
N VAL A 7 1.65 15.87 7.31
CA VAL A 7 2.85 15.04 7.34
C VAL A 7 2.75 13.93 8.39
N ASP A 8 2.35 14.28 9.61
CA ASP A 8 2.42 13.34 10.70
C ASP A 8 1.26 12.38 10.71
N LEU A 9 0.05 12.88 10.45
CA LEU A 9 -1.13 12.05 10.68
C LEU A 9 -1.78 11.54 9.42
N GLY A 10 -1.29 11.96 8.27
CA GLY A 10 -1.94 11.58 7.01
C GLY A 10 -3.31 12.22 6.88
N TYR A 11 -4.26 11.50 6.29
CA TYR A 11 -5.54 12.08 5.89
C TYR A 11 -6.60 11.87 6.96
N GLN A 12 -7.10 12.97 7.52
CA GLN A 12 -7.99 12.91 8.68
C GLN A 12 -9.37 13.49 8.46
N CYS A 13 -9.69 13.91 7.25
CA CYS A 13 -11.04 14.44 7.02
C CYS A 13 -12.05 13.35 6.71
N SER A 14 -13.27 13.53 7.20
CA SER A 14 -14.38 12.62 6.93
C SER A 14 -13.98 11.16 7.16
N PRO A 15 -13.40 10.81 8.32
CA PRO A 15 -12.87 9.43 8.52
C PRO A 15 -13.94 8.34 8.46
N ALA A 16 -15.19 8.66 8.81
CA ALA A 16 -16.29 7.70 8.67
C ALA A 16 -16.59 7.34 7.23
N THR A 17 -15.94 8.02 6.28
CA THR A 17 -16.01 7.64 4.87
C THR A 17 -14.62 7.33 4.32
N SER A 18 -13.70 8.27 4.48
CA SER A 18 -12.41 8.20 3.73
C SER A 18 -11.46 7.11 4.22
N HIS A 19 -11.65 6.60 5.43
CA HIS A 19 -10.82 5.49 5.91
C HIS A 19 -11.42 4.12 5.52
N LEU A 20 -12.47 4.15 4.71
CA LEU A 20 -13.22 2.94 4.34
C LEU A 20 -13.22 2.67 2.83
N TRP A 21 -12.14 3.09 2.17
CA TRP A 21 -12.03 2.92 0.72
C TRP A 21 -10.98 1.87 0.36
N GLY A 22 -10.53 1.09 1.33
CA GLY A 22 -9.52 0.06 1.06
C GLY A 22 -8.23 0.68 0.50
N GLN A 23 -7.72 0.09 -0.58
CA GLN A 23 -6.49 0.58 -1.23
C GLN A 23 -6.75 1.91 -1.93
N TYR A 24 -8.00 2.38 -1.94
CA TYR A 24 -8.26 3.73 -2.46
C TYR A 24 -8.39 4.79 -1.35
N SER A 25 -8.19 4.39 -0.09
CA SER A 25 -8.11 5.37 1.01
C SER A 25 -6.78 6.10 0.98
N PRO A 26 -6.78 7.41 1.15
CA PRO A 26 -5.50 8.09 1.42
C PRO A 26 -4.90 7.59 2.74
N PHE A 27 -3.58 7.38 2.75
CA PHE A 27 -2.88 7.05 4.00
C PHE A 27 -3.38 7.85 5.20
N PHE A 28 -3.67 7.11 6.29
CA PHE A 28 -3.97 7.75 7.58
C PHE A 28 -3.11 7.03 8.61
N SER A 29 -2.46 7.80 9.48
CA SER A 29 -1.55 7.25 10.46
C SER A 29 -2.24 6.33 11.45
N LEU A 30 -1.65 5.14 11.65
CA LEU A 30 -2.17 4.15 12.61
C LEU A 30 -1.30 4.13 13.86
N GLU A 31 -0.62 5.23 14.12
CA GLU A 31 0.16 5.38 15.35
C GLU A 31 -0.74 5.07 16.56
N ASP A 32 -0.24 4.18 17.41
CA ASP A 32 -0.95 3.78 18.65
C ASP A 32 -2.29 3.06 18.41
N GLU A 33 -2.60 2.66 17.17
CA GLU A 33 -3.87 1.96 16.91
C GLU A 33 -3.68 0.44 17.02
N LEU A 34 -4.30 -0.15 18.05
CA LEU A 34 -4.06 -1.56 18.36
C LEU A 34 -2.56 -1.87 18.32
N SER A 35 -1.79 -1.02 19.02
CA SER A 35 -0.34 -1.03 18.92
C SER A 35 0.29 -0.17 20.00
N VAL A 36 1.50 -0.57 20.43
CA VAL A 36 2.35 0.32 21.21
C VAL A 36 2.86 1.47 20.32
N SER A 37 3.45 2.48 20.94
CA SER A 37 4.01 3.60 20.19
C SER A 37 5.06 3.13 19.19
N SER A 38 5.16 3.81 18.04
CA SER A 38 6.23 3.56 17.08
C SER A 38 7.49 4.38 17.41
N LYS A 39 7.47 5.10 18.52
CA LYS A 39 8.62 5.92 18.85
C LYS A 39 9.86 5.06 19.08
N LEU A 40 11.02 5.61 18.75
CA LEU A 40 12.29 4.94 19.00
C LEU A 40 12.41 4.71 20.52
N PRO A 41 12.56 3.45 20.96
CA PRO A 41 12.62 3.19 22.41
C PRO A 41 13.84 3.81 23.05
N LYS A 42 13.72 4.03 24.35
CA LYS A 42 14.79 4.67 25.13
C LYS A 42 16.10 3.91 24.97
N ASP A 43 17.20 4.66 24.83
CA ASP A 43 18.54 4.09 24.74
C ASP A 43 18.72 3.17 23.52
N CYS A 44 17.99 3.48 22.45
CA CYS A 44 18.14 2.75 21.19
C CYS A 44 18.56 3.72 20.10
N ARG A 45 19.32 3.22 19.14
CA ARG A 45 19.76 4.02 18.00
C ARG A 45 19.49 3.22 16.74
N ILE A 46 18.86 3.84 15.74
CA ILE A 46 18.66 3.18 14.45
C ILE A 46 19.97 2.97 13.72
N THR A 47 20.20 1.76 13.24
CA THR A 47 21.42 1.48 12.47
C THR A 47 21.17 1.25 10.99
N LEU A 48 19.94 0.86 10.64
CA LEU A 48 19.55 0.68 9.25
C LEU A 48 18.06 0.94 9.17
N VAL A 49 17.60 1.52 8.07
CA VAL A 49 16.16 1.50 7.84
C VAL A 49 15.90 1.27 6.36
N GLN A 50 14.97 0.35 6.10
CA GLN A 50 14.40 0.09 4.78
C GLN A 50 13.00 0.66 4.73
N VAL A 51 12.72 1.48 3.73
CA VAL A 51 11.35 1.96 3.50
C VAL A 51 10.81 1.25 2.26
N LEU A 52 9.54 0.82 2.35
CA LEU A 52 8.81 0.28 1.21
C LEU A 52 7.55 1.13 1.08
N SER A 53 7.46 1.93 0.00
CA SER A 53 6.40 2.90 -0.17
C SER A 53 5.57 2.56 -1.39
N ARG A 54 4.25 2.67 -1.28
CA ARG A 54 3.39 2.66 -2.46
C ARG A 54 3.48 4.03 -3.14
N HIS A 55 3.09 4.06 -4.41
CA HIS A 55 2.80 5.32 -5.05
C HIS A 55 1.63 6.05 -4.36
N GLY A 56 1.52 7.33 -4.68
CA GLY A 56 0.43 8.15 -4.15
C GLY A 56 -0.92 7.99 -4.85
N ALA A 57 -1.90 8.73 -4.35
CA ALA A 57 -3.24 8.78 -4.96
C ALA A 57 -3.17 9.07 -6.46
N ARG A 58 -3.99 8.35 -7.20
CA ARG A 58 -3.97 8.38 -8.66
C ARG A 58 -5.34 8.49 -9.27
N TYR A 59 -5.37 8.74 -10.58
CA TYR A 59 -6.59 8.57 -11.37
C TYR A 59 -6.89 7.09 -11.55
N PRO A 60 -8.10 6.77 -11.98
CA PRO A 60 -8.42 5.39 -12.35
C PRO A 60 -7.48 4.91 -13.45
N THR A 61 -7.25 3.60 -13.56
CA THR A 61 -6.48 3.09 -14.71
C THR A 61 -7.19 3.46 -16.01
N SER A 62 -6.47 3.43 -17.13
CA SER A 62 -7.15 3.74 -18.39
C SER A 62 -8.41 2.87 -18.60
N SER A 63 -8.32 1.57 -18.32
CA SER A 63 -9.51 0.71 -18.51
C SER A 63 -10.66 1.00 -17.56
N LYS A 64 -10.34 1.28 -16.30
CA LYS A 64 -11.39 1.66 -15.35
C LYS A 64 -11.98 3.02 -15.65
N SER A 65 -11.13 3.97 -16.05
CA SER A 65 -11.64 5.28 -16.43
C SER A 65 -12.64 5.21 -17.59
N LYS A 66 -12.35 4.34 -18.57
CA LYS A 66 -13.26 4.12 -19.71
C LYS A 66 -14.58 3.57 -19.19
N LYS A 67 -14.50 2.61 -18.27
CA LYS A 67 -15.68 1.96 -17.70
C LYS A 67 -16.51 2.96 -16.89
N TYR A 68 -15.85 3.80 -16.07
CA TYR A 68 -16.61 4.76 -15.28
C TYR A 68 -17.30 5.81 -16.12
N LYS A 69 -16.58 6.36 -17.11
CA LYS A 69 -17.15 7.36 -18.00
C LYS A 69 -18.36 6.78 -18.75
N LYS A 70 -18.22 5.53 -19.21
CA LYS A 70 -19.32 4.84 -19.91
C LYS A 70 -20.57 4.78 -19.02
N LEU A 71 -20.38 4.43 -17.75
CA LEU A 71 -21.49 4.35 -16.83
C LEU A 71 -22.17 5.70 -16.57
N VAL A 72 -21.39 6.74 -16.29
CA VAL A 72 -21.93 8.07 -16.03
C VAL A 72 -22.69 8.55 -17.28
N THR A 73 -22.13 8.29 -18.45
CA THR A 73 -22.79 8.69 -19.70
C THR A 73 -24.14 8.00 -19.86
N ALA A 74 -24.16 6.69 -19.63
CA ALA A 74 -25.40 5.90 -19.75
C ALA A 74 -26.47 6.33 -18.73
N ILE A 75 -26.05 6.64 -17.50
CA ILE A 75 -26.97 7.15 -16.49
C ILE A 75 -27.59 8.47 -16.96
N GLN A 76 -26.76 9.39 -17.45
CA GLN A 76 -27.25 10.66 -17.96
C GLN A 76 -28.08 10.50 -19.25
N ALA A 77 -27.83 9.45 -20.03
CA ALA A 77 -28.59 9.19 -21.25
C ALA A 77 -29.97 8.60 -20.98
N ASN A 78 -30.10 7.90 -19.86
CA ASN A 78 -31.27 7.07 -19.56
C ASN A 78 -32.21 7.62 -18.48
N ALA A 79 -31.67 8.33 -17.49
CA ALA A 79 -32.49 8.78 -16.35
C ALA A 79 -33.48 9.87 -16.77
N THR A 80 -34.73 9.73 -16.34
CA THR A 80 -35.75 10.73 -16.60
C THR A 80 -35.88 11.69 -15.41
N ASP A 81 -35.23 11.34 -14.30
CA ASP A 81 -35.17 12.18 -13.11
C ASP A 81 -33.94 11.79 -12.28
N PHE A 82 -33.42 12.75 -11.52
CA PHE A 82 -32.27 12.54 -10.64
C PHE A 82 -32.65 13.00 -9.24
N LYS A 83 -33.16 12.07 -8.43
CA LYS A 83 -33.80 12.39 -7.14
C LYS A 83 -32.85 12.36 -5.94
N GLY A 84 -33.15 13.21 -4.95
CA GLY A 84 -32.42 13.25 -3.70
C GLY A 84 -30.96 13.50 -3.91
N LYS A 85 -30.12 12.72 -3.23
CA LYS A 85 -28.68 12.96 -3.27
C LYS A 85 -28.05 12.63 -4.63
N PHE A 86 -28.83 12.02 -5.53
CA PHE A 86 -28.40 11.72 -6.89
C PHE A 86 -28.60 12.92 -7.81
N ALA A 87 -29.13 14.02 -7.27
CA ALA A 87 -29.42 15.22 -8.08
C ALA A 87 -28.22 15.72 -8.89
N PHE A 88 -27.03 15.72 -8.26
CA PHE A 88 -25.80 16.20 -8.90
C PHE A 88 -25.48 15.47 -10.20
N LEU A 89 -25.98 14.26 -10.37
CA LEU A 89 -25.67 13.44 -11.55
C LEU A 89 -26.28 13.97 -12.86
N LYS A 90 -27.26 14.86 -12.77
CA LYS A 90 -27.78 15.52 -13.97
C LYS A 90 -26.68 16.35 -14.64
N THR A 91 -25.94 17.11 -13.83
CA THR A 91 -24.90 18.03 -14.36
C THR A 91 -23.46 17.59 -14.16
N TYR A 92 -23.23 16.45 -13.50
CA TYR A 92 -21.85 16.01 -13.28
C TYR A 92 -21.14 15.83 -14.60
N ASN A 93 -19.95 16.41 -14.70
CA ASN A 93 -19.14 16.23 -15.90
C ASN A 93 -17.90 15.41 -15.57
N TYR A 94 -17.77 14.25 -16.20
CA TYR A 94 -16.64 13.35 -15.96
C TYR A 94 -15.38 13.88 -16.64
N THR A 95 -14.35 14.18 -15.85
CA THR A 95 -13.11 14.76 -16.38
C THR A 95 -11.86 14.13 -15.78
N LEU A 96 -12.03 13.01 -15.11
CA LEU A 96 -10.88 12.37 -14.48
C LEU A 96 -9.91 11.91 -15.54
N GLY A 97 -8.62 12.05 -15.24
CA GLY A 97 -7.59 11.46 -16.06
C GLY A 97 -7.45 9.95 -15.92
N ALA A 98 -6.28 9.45 -16.31
CA ALA A 98 -5.97 8.03 -16.25
C ALA A 98 -4.53 7.78 -15.79
N ASP A 99 -4.40 6.78 -14.91
CA ASP A 99 -3.11 6.20 -14.45
C ASP A 99 -2.15 7.05 -13.62
N ASP A 100 -2.06 8.34 -13.94
CA ASP A 100 -1.09 9.26 -13.33
C ASP A 100 -1.49 9.55 -11.88
N LEU A 101 -0.51 10.02 -11.11
CA LEU A 101 -0.78 10.66 -9.82
C LEU A 101 -1.68 11.90 -9.96
N THR A 102 -2.54 12.11 -8.97
CA THR A 102 -3.21 13.40 -8.85
C THR A 102 -2.30 14.36 -8.06
N PRO A 103 -2.56 15.66 -8.11
CA PRO A 103 -1.78 16.59 -7.29
C PRO A 103 -1.79 16.21 -5.79
N PHE A 104 -2.94 15.78 -5.29
CA PHE A 104 -3.00 15.31 -3.91
C PHE A 104 -2.05 14.11 -3.70
N GLY A 105 -2.04 13.17 -4.64
CA GLY A 105 -1.11 12.03 -4.54
C GLY A 105 0.37 12.40 -4.57
N GLU A 106 0.71 13.43 -5.35
CA GLU A 106 2.08 13.94 -5.40
C GLU A 106 2.43 14.52 -4.02
N GLN A 107 1.54 15.32 -3.45
CA GLN A 107 1.81 15.92 -2.15
C GLN A 107 1.89 14.87 -1.02
N GLN A 108 1.08 13.79 -1.12
CA GLN A 108 1.22 12.74 -0.10
C GLN A 108 2.67 12.23 -0.05
N LEU A 109 3.27 12.08 -1.24
CA LEU A 109 4.63 11.54 -1.33
C LEU A 109 5.69 12.56 -0.89
N VAL A 110 5.51 13.84 -1.21
CA VAL A 110 6.36 14.88 -0.61
C VAL A 110 6.28 14.78 0.93
N ASN A 111 5.06 14.69 1.46
CA ASN A 111 4.84 14.58 2.92
C ASN A 111 5.54 13.33 3.48
N SER A 112 5.43 12.20 2.78
CA SER A 112 6.09 10.98 3.21
C SER A 112 7.63 11.13 3.27
N GLY A 113 8.23 11.83 2.29
CA GLY A 113 9.65 12.09 2.35
C GLY A 113 10.05 13.00 3.51
N ILE A 114 9.24 14.01 3.81
CA ILE A 114 9.46 14.89 4.98
C ILE A 114 9.39 14.05 6.25
N LYS A 115 8.36 13.20 6.34
CA LYS A 115 8.17 12.40 7.56
C LYS A 115 9.35 11.42 7.78
N PHE A 116 9.84 10.82 6.69
CA PHE A 116 10.97 9.90 6.79
C PHE A 116 12.22 10.63 7.28
N TYR A 117 12.48 11.82 6.73
CA TYR A 117 13.61 12.59 7.22
C TYR A 117 13.49 12.90 8.71
N GLN A 118 12.33 13.41 9.10
CA GLN A 118 12.13 13.84 10.49
C GLN A 118 12.27 12.63 11.44
N ARG A 119 11.68 11.52 11.05
CA ARG A 119 11.69 10.34 11.93
C ARG A 119 13.08 9.74 12.09
N TYR A 120 13.92 9.83 11.05
CA TYR A 120 15.23 9.22 11.07
C TYR A 120 16.31 10.25 10.89
N LYS A 121 16.07 11.43 11.45
CA LYS A 121 16.98 12.58 11.32
C LYS A 121 18.43 12.27 11.71
N ALA A 122 18.61 11.51 12.80
CA ALA A 122 19.97 11.21 13.25
C ALA A 122 20.84 10.58 12.16
N LEU A 123 20.30 9.61 11.41
CA LEU A 123 20.99 9.00 10.29
C LEU A 123 20.90 9.86 9.05
N ALA A 124 19.73 10.41 8.79
CA ALA A 124 19.49 11.06 7.50
C ALA A 124 20.37 12.29 7.30
N ARG A 125 20.76 12.92 8.40
CA ARG A 125 21.71 14.05 8.33
C ARG A 125 22.96 13.78 7.50
N SER A 126 23.46 12.54 7.52
CA SER A 126 24.70 12.19 6.83
C SER A 126 24.56 11.16 5.72
N VAL A 127 23.34 10.66 5.51
CA VAL A 127 23.10 9.57 4.59
C VAL A 127 22.25 10.00 3.40
N VAL A 128 22.70 9.57 2.23
CA VAL A 128 21.94 9.69 1.00
C VAL A 128 21.34 8.30 0.72
N PRO A 129 20.03 8.12 0.90
CA PRO A 129 19.43 6.78 0.75
C PRO A 129 19.62 6.18 -0.63
N PHE A 130 19.69 4.84 -0.68
CA PHE A 130 19.76 4.14 -1.97
C PHE A 130 18.34 3.83 -2.38
N ILE A 131 17.93 4.30 -3.56
CA ILE A 131 16.51 4.30 -3.96
C ILE A 131 16.27 3.55 -5.26
N ARG A 132 15.24 2.70 -5.23
CA ARG A 132 14.76 2.01 -6.42
C ARG A 132 13.28 2.24 -6.60
N ALA A 133 12.81 2.12 -7.84
CA ALA A 133 11.37 2.22 -8.11
C ALA A 133 10.97 1.20 -9.14
N SER A 134 9.80 0.60 -8.99
CA SER A 134 9.29 -0.22 -10.09
C SER A 134 8.97 0.67 -11.31
N GLY A 135 9.11 0.11 -12.51
CA GLY A 135 8.96 0.86 -13.77
C GLY A 135 7.52 1.13 -14.18
N SER A 136 6.83 1.93 -13.37
CA SER A 136 5.51 2.47 -13.63
C SER A 136 5.61 3.98 -13.48
N ASP A 137 5.05 4.76 -14.41
CA ASP A 137 5.22 6.21 -14.32
C ASP A 137 4.75 6.80 -12.97
N ARG A 138 3.62 6.33 -12.44
CA ARG A 138 3.16 6.87 -11.18
C ARG A 138 4.09 6.48 -10.03
N VAL A 139 4.75 5.32 -10.14
CA VAL A 139 5.66 4.89 -9.09
C VAL A 139 6.94 5.70 -9.14
N ILE A 140 7.51 5.89 -10.35
CA ILE A 140 8.68 6.75 -10.47
C ILE A 140 8.38 8.18 -10.00
N ALA A 141 7.24 8.73 -10.41
CA ALA A 141 6.85 10.09 -10.01
C ALA A 141 6.70 10.20 -8.48
N SER A 142 6.17 9.13 -7.89
CA SER A 142 6.07 9.10 -6.43
C SER A 142 7.47 9.12 -5.77
N GLY A 143 8.42 8.36 -6.32
CA GLY A 143 9.80 8.40 -5.83
C GLY A 143 10.39 9.78 -5.95
N GLU A 144 10.17 10.43 -7.11
CA GLU A 144 10.68 11.80 -7.26
C GLU A 144 10.07 12.75 -6.22
N LYS A 145 8.78 12.62 -5.94
CA LYS A 145 8.13 13.51 -4.99
C LYS A 145 8.59 13.23 -3.56
N PHE A 146 8.79 11.95 -3.22
CA PHE A 146 9.35 11.58 -1.91
C PHE A 146 10.73 12.25 -1.73
N ILE A 147 11.57 12.18 -2.76
CA ILE A 147 12.92 12.80 -2.72
C ILE A 147 12.81 14.30 -2.52
N GLU A 148 11.87 14.94 -3.21
CA GLU A 148 11.64 16.38 -3.00
C GLU A 148 11.37 16.69 -1.53
N GLY A 149 10.51 15.88 -0.89
CA GLY A 149 10.15 16.13 0.49
C GLY A 149 11.33 15.85 1.42
N PHE A 150 12.04 14.76 1.18
CA PHE A 150 13.25 14.42 1.96
C PHE A 150 14.25 15.57 1.90
N GLN A 151 14.49 16.08 0.70
CA GLN A 151 15.46 17.16 0.53
C GLN A 151 14.99 18.46 1.16
N GLN A 152 13.69 18.74 1.09
CA GLN A 152 13.13 19.94 1.70
C GLN A 152 13.38 19.91 3.21
N ALA A 153 13.06 18.77 3.83
CA ALA A 153 13.27 18.62 5.27
C ALA A 153 14.75 18.69 5.62
N LYS A 154 15.61 18.07 4.81
CA LYS A 154 17.06 18.07 5.08
C LYS A 154 17.63 19.48 4.95
N LEU A 155 17.12 20.26 4.00
CA LEU A 155 17.59 21.64 3.82
C LEU A 155 17.23 22.52 5.02
N ALA A 156 16.09 22.27 5.64
CA ALA A 156 15.64 23.02 6.82
C ALA A 156 16.32 22.62 8.12
N ASP A 157 17.13 21.55 8.08
CA ASP A 157 17.80 21.08 9.29
C ASP A 157 19.25 21.58 9.30
N PRO A 158 19.59 22.55 10.17
CA PRO A 158 20.98 23.06 10.18
C PRO A 158 22.00 22.00 10.63
N GLY A 159 21.54 20.86 11.14
CA GLY A 159 22.42 19.78 11.52
C GLY A 159 22.80 18.79 10.42
N ALA A 160 22.20 18.91 9.23
CA ALA A 160 22.57 18.01 8.13
C ALA A 160 23.96 18.34 7.61
N THR A 161 24.75 17.31 7.35
CA THR A 161 26.13 17.54 6.90
C THR A 161 26.23 17.14 5.46
N ASN A 162 25.31 15.95 4.86
CA ASN A 162 25.50 15.61 3.48
C ASN A 162 24.18 15.86 2.80
N ARG A 163 24.13 16.86 1.95
CA ARG A 163 22.88 17.25 1.34
C ARG A 163 22.81 16.88 -0.15
N ALA A 164 23.68 15.98 -0.60
CA ALA A 164 23.62 15.51 -2.01
C ALA A 164 22.23 14.93 -2.26
N ALA A 165 21.62 15.28 -3.39
CA ALA A 165 20.29 14.74 -3.64
C ALA A 165 20.37 13.27 -4.02
N PRO A 166 19.53 12.41 -3.42
CA PRO A 166 19.47 11.03 -3.87
C PRO A 166 18.78 10.98 -5.22
N ALA A 167 19.23 10.04 -6.04
CA ALA A 167 18.63 9.77 -7.33
C ALA A 167 17.85 8.48 -7.16
N ILE A 168 16.89 8.22 -8.06
CA ILE A 168 16.41 6.85 -8.23
C ILE A 168 17.49 6.12 -9.01
N SER A 169 18.20 5.22 -8.33
CA SER A 169 19.33 4.53 -8.97
C SER A 169 18.95 3.38 -9.88
N VAL A 170 17.82 2.74 -9.59
CA VAL A 170 17.36 1.58 -10.36
C VAL A 170 15.87 1.71 -10.62
N ILE A 171 15.50 1.64 -11.89
CA ILE A 171 14.09 1.56 -12.24
C ILE A 171 13.90 0.16 -12.81
N ILE A 172 13.11 -0.66 -12.13
CA ILE A 172 12.99 -2.06 -12.51
C ILE A 172 11.83 -2.26 -13.48
N PRO A 173 12.10 -2.72 -14.70
CA PRO A 173 11.00 -2.86 -15.67
C PRO A 173 9.88 -3.75 -15.21
N GLU A 174 8.66 -3.42 -15.64
CA GLU A 174 7.46 -4.19 -15.37
C GLU A 174 7.15 -4.97 -16.66
N SER A 175 7.30 -6.28 -16.58
CA SER A 175 7.23 -7.17 -17.76
C SER A 175 6.95 -8.57 -17.21
N GLU A 176 6.18 -9.37 -17.98
CA GLU A 176 5.93 -10.78 -17.67
C GLU A 176 7.22 -11.61 -17.59
N THR A 177 8.31 -11.05 -18.10
CA THR A 177 9.59 -11.78 -18.21
C THR A 177 10.78 -11.09 -17.55
N PHE A 178 10.51 -10.00 -16.82
CA PHE A 178 11.57 -9.36 -16.05
C PHE A 178 11.33 -9.64 -14.56
N ASN A 179 12.33 -10.23 -13.89
CA ASN A 179 12.25 -10.55 -12.47
C ASN A 179 12.34 -9.25 -11.68
N ASN A 180 11.21 -8.83 -11.12
CA ASN A 180 11.08 -7.54 -10.45
C ASN A 180 10.49 -7.80 -9.05
N THR A 181 11.30 -7.55 -8.01
CA THR A 181 10.80 -7.79 -6.65
C THR A 181 9.77 -6.77 -6.17
N LEU A 182 9.63 -5.67 -6.91
CA LEU A 182 8.73 -4.58 -6.56
C LEU A 182 7.42 -4.58 -7.38
N ASP A 183 7.27 -5.56 -8.26
CA ASP A 183 6.02 -5.73 -9.02
C ASP A 183 5.90 -7.15 -9.49
N HIS A 184 4.82 -7.81 -9.10
CA HIS A 184 4.59 -9.20 -9.51
C HIS A 184 4.42 -9.35 -11.02
N GLY A 185 4.80 -10.51 -11.55
CA GLY A 185 4.48 -10.73 -12.95
C GLY A 185 5.05 -11.96 -13.61
N VAL A 186 6.09 -12.55 -13.03
CA VAL A 186 6.77 -13.68 -13.67
C VAL A 186 6.23 -15.04 -13.23
N CYS A 187 5.45 -15.10 -12.15
CA CYS A 187 4.93 -16.37 -11.68
C CYS A 187 3.69 -16.78 -12.46
N THR A 188 3.89 -17.59 -13.52
CA THR A 188 2.85 -17.81 -14.51
C THR A 188 1.54 -18.30 -13.93
N LYS A 189 1.61 -19.31 -13.07
CA LYS A 189 0.38 -19.88 -12.53
C LYS A 189 -0.37 -18.84 -11.69
N PHE A 190 0.39 -18.07 -10.88
CA PHE A 190 -0.23 -17.03 -10.08
C PHE A 190 -0.94 -15.99 -10.92
N GLU A 191 -0.29 -15.56 -12.01
CA GLU A 191 -0.88 -14.54 -12.87
C GLU A 191 -2.21 -14.99 -13.53
N ALA A 192 -2.42 -16.30 -13.64
CA ALA A 192 -3.66 -16.85 -14.18
C ALA A 192 -4.74 -17.06 -13.14
N SER A 193 -4.41 -16.82 -11.88
CA SER A 193 -5.37 -17.06 -10.78
C SER A 193 -6.59 -16.15 -10.86
N GLN A 194 -7.77 -16.75 -10.64
CA GLN A 194 -9.04 -16.01 -10.66
C GLN A 194 -9.65 -15.91 -9.27
N LEU A 195 -8.96 -16.46 -8.27
CA LEU A 195 -9.52 -16.56 -6.92
C LEU A 195 -9.96 -15.22 -6.30
N GLY A 196 -9.06 -14.24 -6.30
CA GLY A 196 -9.39 -12.92 -5.79
C GLY A 196 -10.62 -12.31 -6.43
N ASP A 197 -10.66 -12.34 -7.76
CA ASP A 197 -11.81 -11.80 -8.49
C ASP A 197 -13.11 -12.55 -8.17
N GLU A 198 -13.01 -13.88 -8.01
CA GLU A 198 -14.20 -14.72 -7.73
C GLU A 198 -14.75 -14.45 -6.32
N VAL A 199 -13.84 -14.29 -5.35
CA VAL A 199 -14.26 -13.97 -3.98
C VAL A 199 -14.90 -12.59 -3.98
N ALA A 200 -14.23 -11.64 -4.60
CA ALA A 200 -14.78 -10.29 -4.72
C ALA A 200 -16.15 -10.29 -5.40
N ALA A 201 -16.30 -10.99 -6.51
CA ALA A 201 -17.60 -11.03 -7.19
C ALA A 201 -18.70 -11.62 -6.30
N ASN A 202 -18.37 -12.69 -5.58
CA ASN A 202 -19.33 -13.34 -4.70
C ASN A 202 -19.78 -12.41 -3.58
N PHE A 203 -18.83 -11.68 -2.98
CA PHE A 203 -19.20 -10.78 -1.90
C PHE A 203 -20.02 -9.60 -2.43
N THR A 204 -19.64 -9.08 -3.61
CA THR A 204 -20.39 -7.99 -4.26
C THR A 204 -21.85 -8.39 -4.49
N ALA A 205 -22.06 -9.65 -4.88
CA ALA A 205 -23.42 -10.15 -5.12
C ALA A 205 -24.27 -10.16 -3.84
N LEU A 206 -23.62 -10.24 -2.68
CA LEU A 206 -24.34 -10.14 -1.42
C LEU A 206 -24.85 -8.73 -1.09
N PHE A 207 -24.01 -7.71 -1.21
CA PHE A 207 -24.38 -6.38 -0.72
C PHE A 207 -24.89 -5.38 -1.78
N ALA A 208 -24.53 -5.61 -3.04
CA ALA A 208 -24.86 -4.64 -4.07
C ALA A 208 -26.36 -4.56 -4.43
N PRO A 209 -27.09 -5.69 -4.48
CA PRO A 209 -28.53 -5.63 -4.85
C PRO A 209 -29.35 -4.59 -4.10
N ASP A 210 -29.24 -4.48 -2.78
CA ASP A 210 -30.03 -3.48 -2.08
C ASP A 210 -29.68 -2.06 -2.47
N ILE A 211 -28.39 -1.82 -2.73
CA ILE A 211 -27.94 -0.49 -3.14
C ILE A 211 -28.43 -0.19 -4.57
N ARG A 212 -28.30 -1.19 -5.44
CA ARG A 212 -28.79 -1.10 -6.82
C ARG A 212 -30.27 -0.70 -6.85
N ALA A 213 -31.07 -1.36 -6.03
CA ALA A 213 -32.52 -1.08 -5.99
C ALA A 213 -32.77 0.36 -5.59
N ARG A 214 -32.04 0.85 -4.59
CA ARG A 214 -32.20 2.22 -4.12
C ARG A 214 -31.75 3.24 -5.15
N ALA A 215 -30.59 3.01 -5.77
CA ALA A 215 -30.11 3.88 -6.83
C ALA A 215 -31.10 3.96 -7.99
N GLU A 216 -31.62 2.81 -8.42
CA GLU A 216 -32.58 2.79 -9.54
C GLU A 216 -33.88 3.55 -9.22
N LYS A 217 -34.28 3.53 -7.95
CA LYS A 217 -35.43 4.30 -7.49
C LYS A 217 -35.22 5.80 -7.63
N HIS A 218 -33.97 6.25 -7.48
CA HIS A 218 -33.65 7.68 -7.56
C HIS A 218 -33.25 8.09 -8.97
N LEU A 219 -33.11 7.10 -9.85
CA LEU A 219 -32.74 7.32 -11.23
C LEU A 219 -33.71 6.56 -12.14
N PRO A 220 -34.99 6.96 -12.19
CA PRO A 220 -35.96 6.23 -13.01
C PRO A 220 -35.49 6.23 -14.46
N GLY A 221 -35.56 5.08 -15.11
CA GLY A 221 -35.13 4.91 -16.49
C GLY A 221 -33.77 4.22 -16.60
N VAL A 222 -33.07 4.16 -15.48
CA VAL A 222 -31.73 3.57 -15.44
C VAL A 222 -31.79 2.12 -14.97
N THR A 223 -31.01 1.27 -15.63
CA THR A 223 -30.80 -0.10 -15.19
C THR A 223 -29.34 -0.31 -14.79
N LEU A 224 -29.11 -0.68 -13.53
CA LEU A 224 -27.75 -0.92 -13.05
C LEU A 224 -27.48 -2.40 -12.87
N THR A 225 -26.20 -2.75 -12.87
CA THR A 225 -25.74 -4.07 -12.48
C THR A 225 -25.05 -3.93 -11.11
N ASP A 226 -24.74 -5.06 -10.47
CA ASP A 226 -23.95 -5.08 -9.24
C ASP A 226 -22.59 -4.41 -9.45
N GLU A 227 -21.94 -4.73 -10.58
CA GLU A 227 -20.69 -4.10 -11.00
C GLU A 227 -20.80 -2.57 -11.06
N ASP A 228 -21.91 -2.05 -11.61
CA ASP A 228 -22.13 -0.61 -11.66
C ASP A 228 -22.18 0.02 -10.27
N VAL A 229 -22.76 -0.69 -9.30
CA VAL A 229 -22.80 -0.17 -7.93
C VAL A 229 -21.36 0.03 -7.46
N VAL A 230 -20.51 -0.96 -7.72
CA VAL A 230 -19.13 -0.88 -7.26
C VAL A 230 -18.43 0.27 -7.98
N SER A 231 -18.71 0.45 -9.27
CA SER A 231 -18.14 1.60 -10.01
C SER A 231 -18.51 2.94 -9.38
N LEU A 232 -19.80 3.11 -9.04
CA LEU A 232 -20.24 4.33 -8.40
C LEU A 232 -19.56 4.56 -7.04
N MET A 233 -19.32 3.46 -6.31
CA MET A 233 -18.64 3.57 -5.02
C MET A 233 -17.16 3.89 -5.25
N ASP A 234 -16.53 3.24 -6.24
CA ASP A 234 -15.13 3.59 -6.61
C ASP A 234 -15.01 5.10 -6.88
N MET A 235 -16.02 5.67 -7.55
CA MET A 235 -15.97 7.08 -7.92
C MET A 235 -15.88 8.02 -6.74
N CYS A 236 -16.37 7.59 -5.58
CA CYS A 236 -16.26 8.43 -4.41
C CYS A 236 -14.79 8.73 -4.07
N SER A 237 -13.95 7.68 -3.97
CA SER A 237 -12.51 7.92 -3.73
C SER A 237 -11.81 8.62 -4.86
N PHE A 238 -11.98 8.14 -6.09
CA PHE A 238 -11.25 8.74 -7.23
C PHE A 238 -11.63 10.20 -7.43
N ASP A 239 -12.91 10.52 -7.32
CA ASP A 239 -13.31 11.91 -7.51
C ASP A 239 -12.78 12.77 -6.37
N THR A 240 -12.82 12.27 -5.14
CA THR A 240 -12.31 13.04 -4.02
C THR A 240 -10.82 13.41 -4.17
N VAL A 241 -10.01 12.43 -4.60
CA VAL A 241 -8.58 12.68 -4.65
C VAL A 241 -8.13 13.45 -5.89
N ALA A 242 -9.08 13.66 -6.81
CA ALA A 242 -8.83 14.40 -8.05
C ALA A 242 -9.40 15.81 -8.05
N ARG A 243 -10.56 16.02 -7.41
CA ARG A 243 -11.34 17.24 -7.67
C ARG A 243 -10.75 18.49 -7.03
N THR A 244 -10.01 18.32 -5.93
CA THR A 244 -9.26 19.44 -5.34
C THR A 244 -7.83 19.01 -5.13
N SER A 245 -6.92 19.98 -5.10
CA SER A 245 -5.50 19.66 -4.97
C SER A 245 -5.15 19.02 -3.66
N ASP A 246 -5.93 19.31 -2.62
CA ASP A 246 -5.64 18.83 -1.27
C ASP A 246 -6.67 17.81 -0.78
N ALA A 247 -7.51 17.32 -1.69
CA ALA A 247 -8.59 16.37 -1.37
C ALA A 247 -9.44 16.86 -0.19
N SER A 248 -9.71 18.16 -0.17
CA SER A 248 -10.38 18.80 0.97
C SER A 248 -11.90 18.79 0.88
N GLN A 249 -12.46 18.28 -0.21
CA GLN A 249 -13.91 18.24 -0.40
C GLN A 249 -14.34 16.85 -0.84
N LEU A 250 -15.09 16.15 0.02
CA LEU A 250 -15.64 14.85 -0.33
C LEU A 250 -16.43 14.95 -1.61
N SER A 251 -16.23 13.99 -2.50
CA SER A 251 -16.97 13.88 -3.76
C SER A 251 -18.47 13.74 -3.49
N PRO A 252 -19.33 14.27 -4.36
CA PRO A 252 -20.77 14.03 -4.22
C PRO A 252 -21.17 12.57 -4.35
N PHE A 253 -20.31 11.72 -4.93
CA PHE A 253 -20.60 10.27 -4.99
C PHE A 253 -20.63 9.66 -3.58
N CYS A 254 -19.90 10.27 -2.64
CA CYS A 254 -19.67 9.60 -1.34
C CYS A 254 -20.93 9.48 -0.51
N GLN A 255 -21.73 10.55 -0.46
CA GLN A 255 -22.96 10.51 0.36
C GLN A 255 -24.12 9.72 -0.25
N LEU A 256 -23.94 9.17 -1.45
CA LEU A 256 -24.95 8.28 -2.04
C LEU A 256 -25.08 7.00 -1.23
N PHE A 257 -24.02 6.68 -0.49
CA PHE A 257 -23.92 5.39 0.23
C PHE A 257 -23.77 5.64 1.72
N THR A 258 -24.36 4.77 2.53
CA THR A 258 -24.33 4.96 3.98
C THR A 258 -23.00 4.50 4.58
N HIS A 259 -22.78 4.85 5.85
CA HIS A 259 -21.58 4.42 6.58
C HIS A 259 -21.49 2.88 6.62
N ASN A 260 -22.60 2.22 6.87
CA ASN A 260 -22.60 0.77 6.88
C ASN A 260 -22.21 0.17 5.51
N GLU A 261 -22.70 0.78 4.44
CA GLU A 261 -22.33 0.36 3.09
C GLU A 261 -20.82 0.60 2.82
N TRP A 262 -20.29 1.70 3.33
CA TRP A 262 -18.84 1.94 3.23
C TRP A 262 -18.05 0.87 3.96
N LYS A 263 -18.54 0.42 5.12
CA LYS A 263 -17.85 -0.70 5.78
C LYS A 263 -17.83 -1.96 4.91
N LYS A 264 -18.90 -2.20 4.15
CA LYS A 264 -18.97 -3.36 3.28
C LYS A 264 -17.99 -3.19 2.11
N TYR A 265 -17.96 -1.98 1.54
CA TYR A 265 -17.02 -1.71 0.45
C TYR A 265 -15.56 -1.86 0.90
N ASN A 266 -15.25 -1.30 2.06
CA ASN A 266 -13.93 -1.44 2.65
C ASN A 266 -13.55 -2.93 2.76
N TYR A 267 -14.49 -3.75 3.21
CA TYR A 267 -14.22 -5.20 3.33
C TYR A 267 -14.07 -5.90 1.99
N LEU A 268 -14.90 -5.54 1.00
CA LEU A 268 -14.70 -6.03 -0.37
C LEU A 268 -13.24 -5.82 -0.81
N GLN A 269 -12.69 -4.65 -0.49
CA GLN A 269 -11.31 -4.36 -0.88
C GLN A 269 -10.32 -5.24 -0.13
N SER A 270 -10.55 -5.39 1.18
CA SER A 270 -9.71 -6.28 1.98
C SER A 270 -9.72 -7.72 1.47
N LEU A 271 -10.90 -8.20 1.05
CA LEU A 271 -11.05 -9.54 0.51
C LEU A 271 -10.27 -9.72 -0.80
N GLY A 272 -10.43 -8.73 -1.69
CA GLY A 272 -9.69 -8.76 -2.95
C GLY A 272 -8.18 -8.84 -2.75
N LYS A 273 -7.68 -8.08 -1.78
CA LYS A 273 -6.24 -8.16 -1.54
C LYS A 273 -5.81 -9.43 -0.82
N TYR A 274 -6.62 -9.90 0.14
CA TYR A 274 -6.26 -11.08 0.91
C TYR A 274 -6.24 -12.34 0.03
N TYR A 275 -7.30 -12.48 -0.78
CA TYR A 275 -7.48 -13.65 -1.66
C TYR A 275 -6.76 -13.49 -3.00
N GLY A 276 -6.37 -12.26 -3.34
CA GLY A 276 -5.61 -12.03 -4.55
C GLY A 276 -4.10 -12.11 -4.34
N TYR A 277 -3.61 -11.58 -3.23
CA TYR A 277 -2.17 -11.33 -3.07
C TYR A 277 -1.61 -11.78 -1.73
N GLY A 278 -2.48 -11.92 -0.74
CA GLY A 278 -2.05 -12.33 0.60
C GLY A 278 -2.23 -13.83 0.81
N ALA A 279 -2.34 -14.25 2.07
CA ALA A 279 -2.32 -15.67 2.43
C ALA A 279 -3.54 -16.43 1.97
N GLY A 280 -4.58 -15.71 1.56
CA GLY A 280 -5.76 -16.37 0.99
C GLY A 280 -5.46 -16.98 -0.37
N ASN A 281 -4.43 -16.48 -1.04
CA ASN A 281 -4.06 -17.02 -2.36
C ASN A 281 -2.91 -18.01 -2.21
N PRO A 282 -3.04 -19.22 -2.77
CA PRO A 282 -1.99 -20.24 -2.60
C PRO A 282 -0.60 -19.81 -3.07
N LEU A 283 -0.52 -18.86 -4.00
CA LEU A 283 0.76 -18.34 -4.49
C LEU A 283 0.90 -16.84 -4.17
N GLY A 284 0.04 -16.31 -3.31
CA GLY A 284 0.12 -14.88 -2.99
C GLY A 284 1.43 -14.50 -2.28
N PRO A 285 1.69 -15.07 -1.11
CA PRO A 285 2.90 -14.71 -0.36
C PRO A 285 4.19 -15.05 -1.14
N ALA A 286 4.14 -16.03 -2.02
CA ALA A 286 5.30 -16.33 -2.87
C ALA A 286 5.78 -15.12 -3.70
N GLN A 287 4.87 -14.20 -4.03
CA GLN A 287 5.23 -13.00 -4.81
C GLN A 287 6.10 -12.04 -4.01
N GLY A 288 6.16 -12.23 -2.69
CA GLY A 288 6.94 -11.37 -1.82
C GLY A 288 8.25 -11.98 -1.37
N ILE A 289 8.55 -13.19 -1.83
CA ILE A 289 9.78 -13.84 -1.41
C ILE A 289 11.04 -13.09 -1.89
N GLY A 290 11.03 -12.62 -3.14
CA GLY A 290 12.21 -11.97 -3.69
C GLY A 290 12.58 -10.75 -2.87
N PHE A 291 11.62 -9.87 -2.62
CA PHE A 291 11.94 -8.73 -1.79
C PHE A 291 12.36 -9.15 -0.38
N THR A 292 11.72 -10.17 0.19
CA THR A 292 12.09 -10.64 1.51
C THR A 292 13.55 -11.04 1.54
N ASN A 293 14.01 -11.74 0.51
CA ASN A 293 15.42 -12.15 0.46
C ASN A 293 16.35 -10.96 0.23
N GLU A 294 15.88 -9.93 -0.50
CA GLU A 294 16.66 -8.70 -0.63
C GLU A 294 16.77 -8.00 0.72
N LEU A 295 15.68 -7.98 1.49
CA LEU A 295 15.70 -7.34 2.78
C LEU A 295 16.63 -8.11 3.73
N ILE A 296 16.59 -9.44 3.65
CA ILE A 296 17.54 -10.24 4.45
C ILE A 296 18.98 -9.88 4.12
N ALA A 297 19.30 -9.78 2.83
CA ALA A 297 20.64 -9.40 2.39
C ALA A 297 21.05 -8.04 2.96
N ARG A 298 20.15 -7.05 2.92
CA ARG A 298 20.46 -5.74 3.48
C ARG A 298 20.62 -5.79 4.99
N LEU A 299 19.73 -6.51 5.69
CA LEU A 299 19.80 -6.53 7.16
C LEU A 299 21.09 -7.17 7.64
N THR A 300 21.55 -8.16 6.88
CA THR A 300 22.72 -8.98 7.25
C THR A 300 23.98 -8.57 6.52
N ARG A 301 23.89 -7.55 5.65
CA ARG A 301 25.02 -7.07 4.86
C ARG A 301 25.73 -8.22 4.11
N SER A 302 24.91 -9.10 3.51
CA SER A 302 25.41 -10.31 2.82
C SER A 302 24.80 -10.47 1.44
N PRO A 303 25.45 -11.22 0.54
CA PRO A 303 24.85 -11.41 -0.79
C PRO A 303 23.44 -12.01 -0.71
N VAL A 304 22.60 -11.57 -1.64
CA VAL A 304 21.24 -12.11 -1.80
C VAL A 304 21.29 -13.58 -2.14
N GLN A 305 20.46 -14.37 -1.46
CA GLN A 305 20.22 -15.76 -1.81
C GLN A 305 18.75 -15.90 -2.16
N ASP A 306 18.49 -16.05 -3.44
CA ASP A 306 17.12 -16.11 -3.92
C ASP A 306 17.07 -16.65 -5.34
N HIS A 307 16.02 -17.43 -5.64
CA HIS A 307 15.79 -17.96 -6.99
C HIS A 307 14.33 -17.77 -7.38
N THR A 308 13.69 -16.70 -6.90
CA THR A 308 12.29 -16.43 -7.23
C THR A 308 12.19 -15.24 -8.18
N SER A 309 11.97 -14.04 -7.66
CA SER A 309 11.78 -12.87 -8.54
C SER A 309 12.91 -11.84 -8.41
N THR A 310 14.00 -12.17 -7.71
CA THR A 310 15.19 -11.31 -7.86
C THR A 310 15.80 -11.49 -9.24
N ASN A 311 16.54 -10.46 -9.66
CA ASN A 311 17.30 -10.53 -10.89
C ASN A 311 18.76 -10.66 -10.51
N SER A 312 19.39 -11.76 -10.92
CA SER A 312 20.74 -12.09 -10.49
C SER A 312 21.77 -11.05 -10.91
N THR A 313 21.57 -10.45 -12.08
CA THR A 313 22.47 -9.39 -12.55
C THR A 313 22.37 -8.15 -11.68
N LEU A 314 21.15 -7.76 -11.35
CA LEU A 314 20.93 -6.58 -10.53
C LEU A 314 21.41 -6.76 -9.09
N VAL A 315 21.17 -7.93 -8.49
CA VAL A 315 21.54 -8.10 -7.08
C VAL A 315 23.04 -8.29 -6.88
N SER A 316 23.75 -8.66 -7.93
CA SER A 316 25.19 -9.00 -7.81
C SER A 316 26.13 -7.83 -8.06
N ASN A 317 25.59 -6.71 -8.49
CA ASN A 317 26.37 -5.52 -8.78
C ASN A 317 26.15 -4.47 -7.69
N PRO A 318 27.19 -4.08 -6.95
CA PRO A 318 27.07 -3.05 -5.91
C PRO A 318 26.47 -1.73 -6.39
N ALA A 319 26.60 -1.43 -7.69
CA ALA A 319 25.99 -0.22 -8.24
C ALA A 319 24.45 -0.25 -8.23
N THR A 320 23.88 -1.44 -8.38
CA THR A 320 22.41 -1.59 -8.42
C THR A 320 21.88 -2.24 -7.16
N PHE A 321 22.77 -2.78 -6.34
CA PHE A 321 22.36 -3.42 -5.07
C PHE A 321 23.47 -3.34 -4.00
N PRO A 322 23.73 -2.16 -3.44
CA PRO A 322 24.78 -2.03 -2.42
C PRO A 322 24.34 -2.73 -1.14
N LEU A 323 25.29 -3.34 -0.42
CA LEU A 323 24.99 -4.08 0.80
C LEU A 323 25.21 -3.27 2.08
N ASN A 324 25.70 -2.04 1.95
CA ASN A 324 26.07 -1.19 3.09
C ASN A 324 25.60 0.27 2.98
N ALA A 325 24.36 0.48 2.51
CA ALA A 325 23.89 1.85 2.23
C ALA A 325 23.20 2.57 3.39
N THR A 326 22.99 1.83 4.48
CA THR A 326 22.29 2.25 5.71
C THR A 326 20.82 2.72 5.62
N MET A 327 20.47 3.43 4.56
CA MET A 327 19.07 3.77 4.31
C MET A 327 18.72 3.35 2.91
N TYR A 328 17.63 2.59 2.80
CA TYR A 328 17.11 2.15 1.51
C TYR A 328 15.64 2.55 1.39
N VAL A 329 15.25 3.01 0.20
CA VAL A 329 13.83 3.36 -0.07
C VAL A 329 13.42 2.77 -1.40
N ASP A 330 12.37 1.94 -1.38
CA ASP A 330 11.85 1.29 -2.57
C ASP A 330 10.39 1.68 -2.80
N PHE A 331 10.07 2.00 -4.05
CA PHE A 331 8.71 2.36 -4.46
C PHE A 331 8.04 1.28 -5.29
N SER A 332 6.81 0.98 -4.88
CA SER A 332 6.09 -0.17 -5.39
C SER A 332 4.58 0.08 -5.46
N HIS A 333 3.84 -1.03 -5.53
CA HIS A 333 2.40 -1.01 -5.70
C HIS A 333 1.74 -1.71 -4.53
N ASP A 334 0.44 -1.49 -4.40
CA ASP A 334 -0.33 -2.17 -3.36
C ASP A 334 -0.22 -3.68 -3.41
N ASN A 335 -0.38 -4.26 -4.59
CA ASN A 335 -0.46 -5.72 -4.62
C ASN A 335 0.83 -6.39 -4.22
N SER A 336 1.96 -5.89 -4.72
CA SER A 336 3.25 -6.46 -4.32
C SER A 336 3.52 -6.23 -2.83
N MET A 337 3.12 -5.07 -2.31
CA MET A 337 3.32 -4.79 -0.90
C MET A 337 2.54 -5.76 -0.03
N VAL A 338 1.29 -6.07 -0.40
CA VAL A 338 0.53 -7.10 0.32
C VAL A 338 1.29 -8.43 0.34
N SER A 339 1.76 -8.88 -0.83
CA SER A 339 2.48 -10.16 -0.87
C SER A 339 3.74 -10.15 -0.01
N ILE A 340 4.46 -9.03 -0.04
CA ILE A 340 5.69 -8.89 0.70
C ILE A 340 5.38 -8.96 2.23
N PHE A 341 4.36 -8.24 2.66
CA PHE A 341 4.02 -8.23 4.11
C PHE A 341 3.66 -9.65 4.58
N PHE A 342 2.92 -10.39 3.74
CA PHE A 342 2.58 -11.76 4.10
C PHE A 342 3.80 -12.68 4.04
N ALA A 343 4.68 -12.48 3.07
CA ALA A 343 5.89 -13.31 2.99
C ALA A 343 6.79 -13.12 4.20
N LEU A 344 6.78 -11.92 4.76
CA LEU A 344 7.56 -11.57 5.94
C LEU A 344 6.93 -12.11 7.22
N GLY A 345 5.71 -12.68 7.10
CA GLY A 345 5.02 -13.26 8.25
C GLY A 345 4.30 -12.26 9.12
N LEU A 346 4.23 -11.00 8.67
CA LEU A 346 3.70 -9.93 9.50
C LEU A 346 2.22 -10.06 9.85
N TYR A 347 1.45 -10.81 9.06
CA TYR A 347 0.04 -11.02 9.31
C TYR A 347 -0.24 -12.49 9.62
N ASN A 348 0.75 -13.12 10.26
CA ASN A 348 0.57 -14.52 10.68
C ASN A 348 -0.35 -14.67 11.89
N GLY A 349 -0.89 -13.58 12.40
CA GLY A 349 -1.93 -13.67 13.41
C GLY A 349 -3.34 -13.49 12.85
N THR A 350 -3.43 -13.31 11.52
CA THR A 350 -4.72 -13.08 10.86
C THR A 350 -5.36 -14.38 10.38
N GLU A 351 -6.58 -14.66 10.81
CA GLU A 351 -7.29 -15.88 10.38
C GLU A 351 -7.83 -15.64 8.97
N PRO A 352 -7.96 -16.67 8.13
CA PRO A 352 -8.50 -16.47 6.79
C PRO A 352 -9.81 -15.72 6.84
N LEU A 353 -9.94 -14.68 6.02
CA LEU A 353 -11.09 -13.79 6.08
C LEU A 353 -12.39 -14.51 5.72
N SER A 354 -13.44 -14.24 6.51
CA SER A 354 -14.77 -14.70 6.16
C SER A 354 -15.17 -14.16 4.80
N ARG A 355 -15.70 -15.01 3.92
CA ARG A 355 -16.10 -14.54 2.60
C ARG A 355 -17.55 -14.00 2.61
N THR A 356 -18.26 -14.17 3.73
CA THR A 356 -19.69 -13.83 3.77
C THR A 356 -20.05 -12.79 4.82
N SER A 357 -19.10 -12.47 5.70
CA SER A 357 -19.31 -11.65 6.88
C SER A 357 -18.17 -10.65 6.96
N VAL A 358 -18.49 -9.39 7.28
CA VAL A 358 -17.44 -8.37 7.46
C VAL A 358 -16.75 -8.48 8.82
N GLU A 359 -15.42 -8.59 8.78
CA GLU A 359 -14.60 -8.67 9.96
C GLU A 359 -13.77 -7.38 9.98
N SER A 360 -13.69 -6.77 11.15
CA SER A 360 -12.94 -5.51 11.33
C SER A 360 -11.44 -5.74 11.35
N ALA A 361 -10.66 -4.69 11.13
CA ALA A 361 -9.21 -4.78 11.26
C ALA A 361 -8.82 -5.32 12.64
N LYS A 362 -9.55 -4.91 13.70
CA LYS A 362 -9.31 -5.46 15.04
C LYS A 362 -9.44 -6.99 15.11
N GLU A 363 -10.51 -7.52 14.53
CA GLU A 363 -10.74 -8.95 14.57
C GLU A 363 -9.75 -9.71 13.67
N LEU A 364 -9.16 -8.97 12.73
CA LEU A 364 -8.19 -9.51 11.78
C LEU A 364 -6.76 -9.16 12.16
N ASP A 365 -6.54 -8.83 13.43
CA ASP A 365 -5.19 -8.60 13.95
C ASP A 365 -4.46 -7.49 13.18
N GLY A 366 -5.22 -6.48 12.76
CA GLY A 366 -4.64 -5.29 12.14
C GLY A 366 -4.63 -5.33 10.62
N TYR A 367 -5.17 -6.39 10.01
CA TYR A 367 -5.23 -6.47 8.55
C TYR A 367 -6.49 -5.82 7.98
N SER A 368 -6.29 -4.85 7.07
CA SER A 368 -7.31 -4.47 6.08
C SER A 368 -6.60 -3.77 4.95
N ALA A 369 -7.24 -3.67 3.81
CA ALA A 369 -6.61 -2.96 2.71
C ALA A 369 -6.30 -1.50 3.04
N SER A 370 -7.20 -0.80 3.74
CA SER A 370 -6.95 0.60 4.08
C SER A 370 -5.90 0.76 5.19
N TRP A 371 -5.76 -0.24 6.07
CA TRP A 371 -4.74 -0.14 7.12
C TRP A 371 -3.35 -0.55 6.62
N VAL A 372 -3.31 -1.25 5.50
CA VAL A 372 -2.07 -1.90 5.07
C VAL A 372 -1.53 -1.31 3.77
N VAL A 373 -2.40 -1.16 2.77
CA VAL A 373 -2.00 -0.55 1.50
C VAL A 373 -2.89 0.59 1.00
N PRO A 374 -3.07 1.63 1.81
CA PRO A 374 -3.74 2.84 1.33
C PRO A 374 -2.87 3.53 0.26
N PHE A 375 -3.48 4.46 -0.46
CA PHE A 375 -2.68 5.33 -1.33
C PHE A 375 -1.56 5.98 -0.45
N GLY A 376 -0.33 5.95 -0.95
CA GLY A 376 0.80 6.52 -0.20
C GLY A 376 1.22 5.66 1.01
N ALA A 377 0.79 4.41 1.06
CA ALA A 377 1.23 3.48 2.11
C ALA A 377 2.74 3.47 2.26
N ARG A 378 3.19 3.31 3.50
CA ARG A 378 4.63 3.09 3.74
C ARG A 378 4.86 2.12 4.87
N ALA A 379 5.92 1.32 4.70
CA ALA A 379 6.42 0.46 5.76
C ALA A 379 7.84 0.83 6.06
N TYR A 380 8.19 0.81 7.35
CA TYR A 380 9.58 1.00 7.75
C TYR A 380 10.05 -0.28 8.40
N PHE A 381 11.15 -0.84 7.93
CA PHE A 381 11.81 -1.98 8.59
C PHE A 381 13.11 -1.46 9.18
N GLU A 382 13.17 -1.47 10.50
CA GLU A 382 14.30 -0.89 11.25
C GLU A 382 15.21 -1.98 11.80
N THR A 383 16.52 -1.71 11.78
CA THR A 383 17.42 -2.37 12.74
C THR A 383 17.86 -1.28 13.72
N MET A 384 17.87 -1.64 15.00
CA MET A 384 18.32 -0.71 16.05
C MET A 384 19.26 -1.42 17.00
N GLN A 385 20.21 -0.66 17.53
CA GLN A 385 21.10 -1.16 18.57
C GLN A 385 20.67 -0.49 19.86
N CYS A 386 20.24 -1.31 20.81
CA CYS A 386 19.68 -0.84 22.07
C CYS A 386 20.61 -1.24 23.19
N LYS A 387 20.75 -0.37 24.17
CA LYS A 387 21.52 -0.68 25.38
C LYS A 387 20.96 -1.92 26.07
N SER A 388 19.64 -2.17 25.92
CA SER A 388 18.99 -3.31 26.56
C SER A 388 19.41 -4.71 26.10
N GLU A 389 20.06 -4.79 24.92
CA GLU A 389 20.32 -6.05 24.24
C GLU A 389 21.61 -5.99 23.40
N LYS A 390 22.44 -7.01 23.53
CA LYS A 390 23.68 -7.10 22.75
C LYS A 390 23.43 -7.17 21.23
N GLU A 391 22.47 -7.98 20.83
CA GLU A 391 22.21 -8.18 19.41
C GLU A 391 21.35 -7.05 18.84
N PRO A 392 21.52 -6.73 17.55
CA PRO A 392 20.62 -5.76 16.90
C PRO A 392 19.18 -6.28 16.95
N LEU A 393 18.24 -5.35 17.10
CA LEU A 393 16.82 -5.69 17.14
C LEU A 393 16.15 -5.18 15.85
N VAL A 394 15.17 -5.94 15.37
CA VAL A 394 14.39 -5.53 14.19
C VAL A 394 12.97 -5.13 14.62
N ARG A 395 12.42 -4.11 13.95
CA ARG A 395 11.03 -3.68 14.17
C ARG A 395 10.39 -3.32 12.82
N ALA A 396 9.11 -3.64 12.67
CA ALA A 396 8.36 -3.31 11.46
C ALA A 396 7.22 -2.36 11.80
N LEU A 397 7.13 -1.26 11.06
CA LEU A 397 6.08 -0.26 11.22
C LEU A 397 5.32 -0.20 9.90
N ILE A 398 4.02 -0.47 9.91
CA ILE A 398 3.21 -0.39 8.67
C ILE A 398 2.21 0.74 8.86
N ASN A 399 2.39 1.82 8.09
CA ASN A 399 1.56 3.02 8.26
C ASN A 399 1.52 3.51 9.70
N ASP A 400 2.70 3.46 10.31
CA ASP A 400 2.96 3.92 11.70
C ASP A 400 2.54 2.96 12.80
N ARG A 401 1.87 1.87 12.44
CA ARG A 401 1.47 0.86 13.42
C ARG A 401 2.61 -0.10 13.62
N VAL A 402 2.95 -0.42 14.87
CA VAL A 402 3.94 -1.47 15.12
C VAL A 402 3.26 -2.79 14.81
N VAL A 403 3.86 -3.55 13.91
CA VAL A 403 3.34 -4.85 13.52
C VAL A 403 4.30 -5.90 14.05
N PRO A 404 3.94 -6.52 15.20
CA PRO A 404 4.84 -7.47 15.85
C PRO A 404 5.28 -8.59 14.91
N LEU A 405 6.57 -8.88 14.97
CA LEU A 405 7.17 -9.92 14.13
C LEU A 405 6.70 -11.33 14.53
N HIS A 406 6.52 -12.16 13.51
CA HIS A 406 6.22 -13.59 13.73
C HIS A 406 7.41 -14.45 13.35
N GLY A 407 7.50 -15.63 13.96
CA GLY A 407 8.52 -16.62 13.65
C GLY A 407 9.74 -16.56 14.55
N CYS A 408 9.72 -15.64 15.50
CA CYS A 408 10.88 -15.33 16.36
C CYS A 408 10.39 -14.94 17.77
N ASP A 409 11.31 -14.90 18.71
CA ASP A 409 10.97 -14.61 20.11
C ASP A 409 10.76 -13.10 20.26
N VAL A 410 9.51 -12.70 20.04
CA VAL A 410 9.14 -11.27 19.94
C VAL A 410 8.96 -10.66 21.34
N ASP A 411 9.44 -9.43 21.53
CA ASP A 411 9.27 -8.72 22.80
C ASP A 411 7.99 -7.87 22.84
N LYS A 412 7.75 -7.17 23.94
CA LYS A 412 6.49 -6.45 24.13
C LYS A 412 6.39 -5.21 23.22
N LEU A 413 7.54 -4.83 22.66
CA LEU A 413 7.62 -3.69 21.74
C LEU A 413 7.57 -4.14 20.29
N GLY A 414 7.31 -5.44 20.07
CA GLY A 414 7.15 -5.97 18.73
C GLY A 414 8.42 -6.38 18.00
N ARG A 415 9.54 -6.43 18.72
CA ARG A 415 10.86 -6.62 18.13
C ARG A 415 11.39 -8.03 18.32
N CYS A 416 12.27 -8.43 17.42
CA CYS A 416 13.06 -9.65 17.57
C CYS A 416 14.52 -9.34 17.34
N LYS A 417 15.41 -10.14 17.93
CA LYS A 417 16.83 -10.10 17.57
C LYS A 417 17.01 -10.43 16.09
N LEU A 418 17.94 -9.74 15.43
CA LEU A 418 18.14 -9.86 13.99
C LEU A 418 18.30 -11.31 13.53
N ASN A 419 19.24 -12.02 14.12
CA ASN A 419 19.45 -13.40 13.69
C ASN A 419 18.25 -14.30 13.89
N ASP A 420 17.52 -14.08 14.97
CA ASP A 420 16.32 -14.83 15.29
C ASP A 420 15.24 -14.54 14.23
N PHE A 421 15.08 -13.26 13.91
CA PHE A 421 14.12 -12.87 12.87
C PHE A 421 14.44 -13.56 11.53
N VAL A 422 15.71 -13.49 11.12
CA VAL A 422 16.11 -14.07 9.83
C VAL A 422 15.89 -15.59 9.84
N LYS A 423 16.26 -16.23 10.95
CA LYS A 423 16.00 -17.68 11.10
C LYS A 423 14.51 -18.04 10.94
N GLY A 424 13.63 -17.19 11.48
CA GLY A 424 12.20 -17.35 11.38
C GLY A 424 11.62 -17.22 9.97
N LEU A 425 12.35 -16.57 9.07
CA LEU A 425 11.94 -16.42 7.67
C LEU A 425 12.40 -17.61 6.82
N SER A 426 12.44 -18.80 7.44
CA SER A 426 12.85 -20.03 6.75
C SER A 426 12.07 -20.31 5.44
N TRP A 427 10.79 -19.93 5.43
CA TRP A 427 9.96 -20.22 4.24
C TRP A 427 10.48 -19.40 3.07
N ALA A 428 10.60 -18.09 3.27
CA ALA A 428 11.14 -17.26 2.20
C ALA A 428 12.59 -17.66 1.85
N ARG A 429 13.40 -17.94 2.87
CA ARG A 429 14.79 -18.30 2.57
C ARG A 429 14.92 -19.54 1.70
N SER A 430 13.95 -20.44 1.78
CA SER A 430 13.97 -21.66 0.96
C SER A 430 13.39 -21.51 -0.43
N GLY A 431 12.79 -20.35 -0.71
CA GLY A 431 12.06 -20.18 -1.97
C GLY A 431 10.58 -20.56 -1.89
N GLY A 432 10.10 -20.89 -0.71
CA GLY A 432 8.69 -21.24 -0.53
C GLY A 432 8.15 -22.23 -1.54
N ASN A 433 6.95 -21.95 -2.06
CA ASN A 433 6.33 -22.82 -3.06
C ASN A 433 6.44 -22.24 -4.48
N TRP A 434 7.52 -21.49 -4.74
CA TRP A 434 7.75 -20.83 -6.02
C TRP A 434 7.73 -21.78 -7.21
N GLY A 435 8.22 -23.00 -7.04
CA GLY A 435 8.16 -24.01 -8.09
C GLY A 435 6.76 -24.24 -8.64
N GLU A 436 5.75 -24.03 -7.79
CA GLU A 436 4.35 -24.20 -8.23
C GLU A 436 3.95 -23.18 -9.31
N CYS A 437 4.71 -22.09 -9.43
CA CYS A 437 4.51 -21.10 -10.47
C CYS A 437 4.49 -21.66 -11.89
N PHE A 438 5.24 -22.74 -12.10
CA PHE A 438 5.53 -23.18 -13.46
C PHE A 438 5.10 -24.61 -13.73
C1 NAG B . -29.39 2.65 -20.92
C2 NAG B . -28.90 1.44 -20.10
C3 NAG B . -28.38 0.32 -21.00
C4 NAG B . -29.39 -0.02 -22.09
C5 NAG B . -29.74 1.27 -22.84
C6 NAG B . -30.72 1.04 -24.00
C7 NAG B . -28.09 2.24 -17.92
C8 NAG B . -26.90 2.42 -17.03
N2 NAG B . -27.85 1.78 -19.16
O3 NAG B . -28.13 -0.85 -20.26
O4 NAG B . -28.84 -1.02 -22.95
O5 NAG B . -30.29 2.19 -21.92
O6 NAG B . -31.84 0.30 -23.51
O7 NAG B . -29.22 2.53 -17.51
C1 NAG C . 14.49 -14.91 -13.11
C2 NAG C . 15.93 -15.41 -13.25
C3 NAG C . 15.84 -16.74 -14.04
C4 NAG C . 14.95 -17.73 -13.33
C5 NAG C . 13.64 -17.10 -12.86
C6 NAG C . 12.95 -18.02 -11.86
C7 NAG C . 17.60 -13.67 -13.50
C8 NAG C . 18.53 -12.91 -14.41
N2 NAG C . 16.75 -14.52 -14.06
O3 NAG C . 17.14 -17.27 -14.30
O4 NAG C . 14.60 -18.76 -14.24
O5 NAG C . 13.82 -15.81 -12.25
O6 NAG C . 11.83 -17.36 -11.35
O7 NAG C . 17.67 -13.49 -12.29
C1 NAG D . 17.92 -8.98 -15.38
C2 NAG D . 16.98 -9.25 -16.58
C3 NAG D . 17.65 -8.92 -17.93
C4 NAG D . 18.31 -7.53 -17.84
C5 NAG D . 19.25 -7.49 -16.63
C6 NAG D . 19.99 -6.16 -16.51
C7 NAG D . 15.40 -11.00 -15.97
C8 NAG D . 14.86 -12.39 -16.18
N2 NAG D . 16.54 -10.64 -16.59
O3 NAG D . 16.67 -8.89 -18.95
O4 NAG D . 19.02 -7.25 -19.04
O5 NAG D . 18.47 -7.68 -15.47
O6 NAG D . 19.05 -5.12 -16.52
O7 NAG D . 14.80 -10.24 -15.22
C1 NAG E . 3.67 -17.48 8.53
C2 NAG E . 5.08 -18.11 8.70
C3 NAG E . 5.38 -19.07 7.56
C4 NAG E . 4.25 -20.08 7.38
C5 NAG E . 2.91 -19.35 7.24
C6 NAG E . 1.73 -20.32 7.16
C7 NAG E . 6.82 -16.72 9.80
C8 NAG E . 7.81 -15.62 9.55
N2 NAG E . 6.15 -17.12 8.72
O3 NAG E . 6.61 -19.76 7.80
O4 NAG E . 4.49 -20.81 6.19
O5 NAG E . 2.74 -18.57 8.41
O6 NAG E . 1.66 -21.04 8.37
O7 NAG E . 6.65 -17.20 10.93
C1 NAG F . -18.76 -18.21 -5.00
C2 NAG F . -17.69 -19.20 -4.48
C3 NAG F . -18.01 -20.64 -4.90
C4 NAG F . -19.44 -20.98 -4.52
C5 NAG F . -20.34 -19.95 -5.21
C6 NAG F . -21.85 -20.22 -5.10
C7 NAG F . -15.38 -18.45 -4.11
C8 NAG F . -14.05 -18.20 -4.74
N2 NAG F . -16.34 -18.86 -4.93
O3 NAG F . -17.08 -21.55 -4.34
O4 NAG F . -19.74 -22.30 -4.91
O5 NAG F . -20.05 -18.68 -4.65
O6 NAG F . -22.29 -19.82 -3.83
O7 NAG F . -15.54 -18.29 -2.89
C1 NAG G . 28.86 0.17 0.10
C2 NAG G . 28.77 1.43 -0.78
C3 NAG G . 29.38 1.26 -2.18
C4 NAG G . 29.12 -0.11 -2.85
C5 NAG G . 28.68 -1.15 -1.81
C6 NAG G . 28.86 -2.61 -2.20
C7 NAG G . 26.97 3.18 -0.99
C8 NAG G . 27.96 4.26 -1.37
N2 NAG G . 27.38 1.91 -0.87
O3 NAG G . 30.77 1.54 -2.11
O4 NAG G . 28.13 0.07 -3.84
O5 NAG G . 29.45 -0.89 -0.65
O6 NAG G . 28.00 -3.44 -1.44
O7 NAG G . 25.80 3.51 -0.79
#